data_4V2O
#
_entry.id   4V2O
#
_cell.length_a   75.299
_cell.length_b   75.299
_cell.length_c   94.716
_cell.angle_alpha   90.00
_cell.angle_beta   90.00
_cell.angle_gamma   120.00
#
_symmetry.space_group_name_H-M   'P 32 2 1'
#
loop_
_entity.id
_entity.type
_entity.pdbx_description
1 polymer SAPOSIN-B
2 non-polymer N4-(7-CHLORO-QUINOLIN-4-YL)-N1,N1-DIETHYL-PENTANE-1,4-DIAMINE
3 water water
#
_entity_poly.entity_id   1
_entity_poly.type   'polypeptide(L)'
_entity_poly.pdbx_seq_one_letter_code
;GASGDVCQDCIQMVTDIQTAVRTNSTFVQALVEHVKEECDRLGPGMADICKNYISQYSEIAIQMMMHMQPKEICALVGFC
DE
;
_entity_poly.pdbx_strand_id   A,B,C
#
loop_
_chem_comp.id
_chem_comp.type
_chem_comp.name
_chem_comp.formula
CLQ non-polymer N4-(7-CHLORO-QUINOLIN-4-YL)-N1,N1-DIETHYL-PENTANE-1,4-DIAMINE 'C18 H26 Cl N3'
#
# COMPACT_ATOMS: atom_id res chain seq x y z
N GLY A 4 -19.97 8.13 -10.22
CA GLY A 4 -19.11 9.31 -10.21
C GLY A 4 -18.15 9.29 -9.04
N ASP A 5 -18.66 8.92 -7.84
CA ASP A 5 -17.85 8.83 -6.63
C ASP A 5 -16.75 7.78 -6.77
N VAL A 6 -17.06 6.60 -7.32
CA VAL A 6 -16.09 5.50 -7.52
C VAL A 6 -14.94 5.94 -8.43
N CYS A 7 -15.26 6.66 -9.53
CA CYS A 7 -14.27 7.16 -10.47
C CYS A 7 -13.24 8.06 -9.78
N GLN A 8 -13.74 9.08 -9.05
CA GLN A 8 -12.91 10.02 -8.33
CA GLN A 8 -12.90 10.02 -8.32
C GLN A 8 -12.08 9.34 -7.23
N ASP A 9 -12.68 8.36 -6.54
CA ASP A 9 -12.01 7.59 -5.50
C ASP A 9 -10.84 6.84 -6.09
N CYS A 10 -11.03 6.26 -7.29
CA CYS A 10 -10.01 5.52 -8.01
C CYS A 10 -8.89 6.47 -8.43
N ILE A 11 -9.23 7.65 -8.99
CA ILE A 11 -8.24 8.67 -9.39
C ILE A 11 -7.37 9.05 -8.18
N GLN A 12 -8.00 9.31 -7.02
CA GLN A 12 -7.33 9.64 -5.77
C GLN A 12 -6.42 8.50 -5.33
N MET A 13 -6.91 7.25 -5.30
CA MET A 13 -6.13 6.08 -4.92
C MET A 13 -4.93 5.87 -5.84
N VAL A 14 -5.15 5.90 -7.16
CA VAL A 14 -4.10 5.71 -8.17
C VAL A 14 -3.00 6.79 -8.10
N THR A 15 -3.38 8.07 -7.85
CA THR A 15 -2.44 9.19 -7.68
C THR A 15 -1.51 8.89 -6.49
N ASP A 16 -2.09 8.45 -5.37
CA ASP A 16 -1.35 8.10 -4.16
C ASP A 16 -0.50 6.84 -4.32
N ILE A 17 -0.93 5.86 -5.15
CA ILE A 17 -0.15 4.64 -5.45
C ILE A 17 1.13 5.07 -6.18
N GLN A 18 0.99 5.97 -7.17
CA GLN A 18 2.11 6.47 -7.96
C GLN A 18 3.08 7.25 -7.07
N THR A 19 2.56 8.04 -6.09
CA THR A 19 3.39 8.78 -5.12
C THR A 19 4.13 7.78 -4.21
N ALA A 20 3.46 6.70 -3.77
CA ALA A 20 4.01 5.62 -2.93
C ALA A 20 5.13 4.90 -3.67
N VAL A 21 4.94 4.57 -4.96
CA VAL A 21 5.97 3.93 -5.79
C VAL A 21 7.22 4.83 -5.91
N ARG A 22 7.04 6.15 -6.16
CA ARG A 22 8.14 7.11 -6.32
C ARG A 22 8.86 7.46 -5.02
N THR A 23 8.13 7.48 -3.87
CA THR A 23 8.73 7.86 -2.57
C THR A 23 9.06 6.72 -1.61
N ASN A 24 8.43 5.54 -1.76
CA ASN A 24 8.64 4.38 -0.88
C ASN A 24 9.29 3.25 -1.69
N SER A 25 10.58 3.00 -1.42
CA SER A 25 11.42 2.02 -2.12
C SER A 25 11.06 0.55 -1.88
N THR A 26 10.21 0.26 -0.88
CA THR A 26 9.81 -1.12 -0.58
C THR A 26 8.34 -1.39 -0.93
N PHE A 27 7.59 -0.36 -1.38
CA PHE A 27 6.15 -0.44 -1.70
C PHE A 27 5.81 -1.48 -2.75
N VAL A 28 6.44 -1.40 -3.95
CA VAL A 28 6.20 -2.33 -5.07
C VAL A 28 6.48 -3.78 -4.66
N GLN A 29 7.69 -4.04 -4.11
CA GLN A 29 8.15 -5.34 -3.63
C GLN A 29 7.16 -5.95 -2.62
N ALA A 30 6.73 -5.16 -1.62
CA ALA A 30 5.78 -5.60 -0.59
C ALA A 30 4.42 -5.97 -1.20
N LEU A 31 3.91 -5.19 -2.18
CA LEU A 31 2.64 -5.44 -2.85
C LEU A 31 2.69 -6.73 -3.69
N VAL A 32 3.73 -6.88 -4.55
CA VAL A 32 3.92 -8.05 -5.41
C VAL A 32 4.02 -9.33 -4.57
N GLU A 33 4.83 -9.31 -3.49
CA GLU A 33 5.02 -10.44 -2.57
C GLU A 33 3.72 -10.80 -1.87
N HIS A 34 2.91 -9.79 -1.49
CA HIS A 34 1.61 -9.99 -0.83
C HIS A 34 0.62 -10.69 -1.75
N VAL A 35 0.50 -10.22 -3.01
CA VAL A 35 -0.40 -10.78 -4.01
C VAL A 35 -0.02 -12.25 -4.31
N LYS A 36 1.29 -12.56 -4.33
CA LYS A 36 1.82 -13.93 -4.51
C LYS A 36 1.37 -14.84 -3.36
N GLU A 37 1.37 -14.31 -2.12
CA GLU A 37 0.90 -15.02 -0.92
C GLU A 37 -0.60 -15.32 -1.01
N GLU A 38 -1.40 -14.38 -1.57
CA GLU A 38 -2.84 -14.54 -1.75
C GLU A 38 -3.22 -15.67 -2.73
N CYS A 39 -2.29 -16.07 -3.63
CA CYS A 39 -2.49 -17.17 -4.58
C CYS A 39 -2.77 -18.50 -3.85
N ASP A 40 -2.27 -18.64 -2.60
CA ASP A 40 -2.47 -19.83 -1.74
C ASP A 40 -3.93 -20.10 -1.41
N ARG A 41 -4.80 -19.07 -1.49
CA ARG A 41 -6.25 -19.17 -1.25
C ARG A 41 -6.95 -20.01 -2.35
N LEU A 42 -6.30 -20.14 -3.54
CA LEU A 42 -6.77 -20.94 -4.68
C LEU A 42 -6.52 -22.45 -4.46
N GLY A 43 -5.77 -22.76 -3.40
CA GLY A 43 -5.44 -24.13 -3.00
C GLY A 43 -4.33 -24.77 -3.82
N PRO A 44 -4.08 -26.09 -3.64
CA PRO A 44 -3.01 -26.75 -4.41
C PRO A 44 -3.32 -26.78 -5.91
N GLY A 45 -2.26 -26.81 -6.70
CA GLY A 45 -2.32 -26.82 -8.15
C GLY A 45 -2.39 -25.41 -8.72
N MET A 46 -3.50 -24.71 -8.41
CA MET A 46 -3.77 -23.34 -8.86
C MET A 46 -2.85 -22.27 -8.26
N ALA A 47 -2.36 -22.47 -7.01
CA ALA A 47 -1.48 -21.52 -6.31
C ALA A 47 -0.19 -21.22 -7.06
N ASP A 48 0.49 -22.27 -7.55
CA ASP A 48 1.74 -22.16 -8.30
C ASP A 48 1.53 -21.48 -9.65
N ILE A 49 0.41 -21.80 -10.34
CA ILE A 49 0.01 -21.21 -11.64
C ILE A 49 -0.21 -19.70 -11.45
N CYS A 50 -0.89 -19.33 -10.35
CA CYS A 50 -1.18 -17.97 -9.94
C CYS A 50 0.12 -17.19 -9.63
N LYS A 51 1.02 -17.79 -8.82
CA LYS A 51 2.31 -17.20 -8.43
C LYS A 51 3.18 -16.91 -9.66
N ASN A 52 3.18 -17.85 -10.63
CA ASN A 52 3.92 -17.75 -11.90
C ASN A 52 3.35 -16.64 -12.79
N TYR A 53 2.00 -16.46 -12.82
CA TYR A 53 1.36 -15.38 -13.59
C TYR A 53 1.74 -14.01 -13.02
N ILE A 54 1.86 -13.91 -11.68
CA ILE A 54 2.29 -12.70 -10.98
C ILE A 54 3.76 -12.39 -11.31
N SER A 55 4.64 -13.42 -11.27
CA SER A 55 6.08 -13.29 -11.59
C SER A 55 6.34 -12.92 -13.06
N GLN A 56 5.38 -13.21 -13.96
CA GLN A 56 5.48 -12.95 -15.40
C GLN A 56 4.93 -11.58 -15.82
N TYR A 57 3.87 -11.11 -15.14
CA TYR A 57 3.20 -9.85 -15.49
C TYR A 57 3.40 -8.67 -14.54
N SER A 58 4.01 -8.87 -13.34
CA SER A 58 4.18 -7.80 -12.35
C SER A 58 4.93 -6.58 -12.86
N GLU A 59 6.12 -6.77 -13.47
CA GLU A 59 6.94 -5.70 -14.04
C GLU A 59 6.13 -4.94 -15.12
N ILE A 60 5.47 -5.68 -16.03
CA ILE A 60 4.66 -5.12 -17.11
C ILE A 60 3.54 -4.27 -16.53
N ALA A 61 2.74 -4.84 -15.60
CA ALA A 61 1.65 -4.15 -14.94
C ALA A 61 2.12 -2.89 -14.19
N ILE A 62 3.25 -2.98 -13.45
CA ILE A 62 3.79 -1.86 -12.67
C ILE A 62 4.31 -0.74 -13.56
N GLN A 63 5.06 -1.08 -14.63
CA GLN A 63 5.61 -0.11 -15.57
C GLN A 63 4.51 0.58 -16.36
N MET A 64 3.52 -0.21 -16.84
CA MET A 64 2.37 0.34 -17.56
C MET A 64 1.60 1.30 -16.68
N MET A 65 1.40 0.94 -15.41
CA MET A 65 0.71 1.72 -14.41
C MET A 65 1.49 3.01 -14.07
N MET A 66 2.83 2.95 -13.95
CA MET A 66 3.65 4.13 -13.65
C MET A 66 3.76 5.13 -14.80
N HIS A 67 3.49 4.68 -16.03
CA HIS A 67 3.57 5.54 -17.22
C HIS A 67 2.20 5.97 -17.75
N MET A 68 1.13 5.55 -17.07
CA MET A 68 -0.24 5.95 -17.40
C MET A 68 -0.74 6.96 -16.36
N GLN A 69 -1.63 7.87 -16.79
CA GLN A 69 -2.26 8.87 -15.93
C GLN A 69 -3.27 8.16 -15.01
N PRO A 70 -3.53 8.66 -13.77
CA PRO A 70 -4.50 8.00 -12.90
C PRO A 70 -5.88 7.74 -13.52
N LYS A 71 -6.42 8.72 -14.31
CA LYS A 71 -7.72 8.58 -14.99
C LYS A 71 -7.70 7.49 -16.07
N GLU A 72 -6.53 7.30 -16.74
CA GLU A 72 -6.34 6.28 -17.77
C GLU A 72 -6.37 4.89 -17.15
N ILE A 73 -5.68 4.70 -16.00
CA ILE A 73 -5.63 3.43 -15.26
C ILE A 73 -7.05 3.09 -14.79
N CYS A 74 -7.77 4.09 -14.28
CA CYS A 74 -9.14 3.92 -13.78
C CYS A 74 -10.15 3.63 -14.88
N ALA A 75 -9.95 4.21 -16.06
CA ALA A 75 -10.78 3.94 -17.24
C ALA A 75 -10.48 2.53 -17.74
N LEU A 76 -9.20 2.09 -17.65
CA LEU A 76 -8.74 0.76 -18.05
C LEU A 76 -9.38 -0.35 -17.20
N VAL A 77 -9.43 -0.16 -15.87
CA VAL A 77 -10.04 -1.13 -14.95
C VAL A 77 -11.59 -1.12 -15.02
N GLY A 78 -12.16 0.02 -15.40
CA GLY A 78 -13.61 0.18 -15.53
C GLY A 78 -14.27 1.04 -14.47
N PHE A 79 -13.47 1.66 -13.58
CA PHE A 79 -14.00 2.52 -12.51
C PHE A 79 -14.30 3.94 -12.98
N CYS A 80 -13.71 4.36 -14.12
CA CYS A 80 -13.95 5.67 -14.76
C CYS A 80 -14.49 5.47 -16.16
N ASP A 81 -15.31 6.44 -16.65
CA ASP A 81 -15.99 6.54 -17.95
C ASP A 81 -17.32 5.79 -17.98
N GLY B 1 2.57 29.72 8.45
CA GLY B 1 2.27 28.70 7.46
C GLY B 1 2.92 27.37 7.78
N ALA B 2 4.11 27.11 7.20
CA ALA B 2 4.93 25.91 7.34
C ALA B 2 5.28 25.62 8.80
N SER B 3 5.53 26.70 9.58
CA SER B 3 5.84 26.62 11.01
C SER B 3 4.74 25.88 11.78
N GLY B 4 3.49 26.07 11.37
CA GLY B 4 2.33 25.42 11.95
C GLY B 4 2.05 24.02 11.45
N ASP B 5 2.75 23.57 10.40
CA ASP B 5 2.62 22.23 9.79
C ASP B 5 3.62 21.24 10.35
N VAL B 6 4.69 21.75 10.98
CA VAL B 6 5.80 20.94 11.54
C VAL B 6 5.29 19.89 12.53
N CYS B 7 4.37 20.28 13.40
CA CYS B 7 3.80 19.37 14.40
C CYS B 7 3.14 18.17 13.76
N GLN B 8 2.21 18.40 12.80
CA GLN B 8 1.51 17.32 12.10
C GLN B 8 2.47 16.47 11.26
N ASP B 9 3.49 17.10 10.66
CA ASP B 9 4.52 16.38 9.90
C ASP B 9 5.25 15.38 10.80
N CYS B 10 5.60 15.84 12.01
CA CYS B 10 6.27 15.03 13.03
C CYS B 10 5.37 13.88 13.48
N ILE B 11 4.08 14.17 13.76
CA ILE B 11 3.09 13.16 14.14
C ILE B 11 3.03 12.07 13.06
N GLN B 12 2.96 12.46 11.77
CA GLN B 12 2.93 11.53 10.62
C GLN B 12 4.20 10.66 10.59
N MET B 13 5.38 11.28 10.69
CA MET B 13 6.67 10.57 10.71
C MET B 13 6.75 9.59 11.89
N VAL B 14 6.44 10.05 13.10
CA VAL B 14 6.51 9.24 14.33
C VAL B 14 5.53 8.05 14.30
N THR B 15 4.32 8.24 13.75
CA THR B 15 3.31 7.17 13.60
C THR B 15 3.89 6.05 12.73
N ASP B 16 4.52 6.42 11.60
CA ASP B 16 5.14 5.48 10.69
C ASP B 16 6.37 4.79 11.28
N ILE B 17 7.14 5.51 12.13
CA ILE B 17 8.32 4.94 12.81
C ILE B 17 7.84 3.82 13.76
N GLN B 18 6.77 4.07 14.50
CA GLN B 18 6.22 3.08 15.42
C GLN B 18 5.68 1.85 14.68
N THR B 19 5.02 2.07 13.51
CA THR B 19 4.51 1.01 12.66
C THR B 19 5.72 0.19 12.12
N ALA B 20 6.80 0.89 11.77
CA ALA B 20 8.04 0.28 11.27
C ALA B 20 8.67 -0.63 12.36
N VAL B 21 8.71 -0.15 13.63
CA VAL B 21 9.26 -0.92 14.75
C VAL B 21 8.45 -2.22 14.97
N ARG B 22 7.13 -2.13 14.83
CA ARG B 22 6.24 -3.27 15.02
C ARG B 22 6.19 -4.25 13.84
N THR B 23 6.35 -3.75 12.60
CA THR B 23 6.24 -4.57 11.38
C THR B 23 7.55 -4.94 10.67
N ASN B 24 8.64 -4.18 10.88
CA ASN B 24 9.92 -4.42 10.23
C ASN B 24 10.96 -4.85 11.26
N SER B 25 11.37 -6.12 11.19
CA SER B 25 12.32 -6.78 12.11
C SER B 25 13.77 -6.29 12.04
N THR B 26 14.15 -5.57 10.97
CA THR B 26 15.51 -5.05 10.81
C THR B 26 15.62 -3.52 10.97
N PHE B 27 14.46 -2.84 11.13
CA PHE B 27 14.37 -1.38 11.26
C PHE B 27 15.17 -0.81 12.43
N VAL B 28 14.91 -1.28 13.66
CA VAL B 28 15.59 -0.82 14.87
C VAL B 28 17.11 -1.01 14.79
N GLN B 29 17.56 -2.24 14.45
CA GLN B 29 18.96 -2.61 14.27
C GLN B 29 19.69 -1.70 13.28
N ALA B 30 19.07 -1.45 12.10
CA ALA B 30 19.63 -0.60 11.06
C ALA B 30 19.80 0.85 11.56
N LEU B 31 18.80 1.37 12.30
CA LEU B 31 18.81 2.73 12.84
C LEU B 31 19.89 2.90 13.90
N VAL B 32 19.94 2.00 14.90
CA VAL B 32 20.93 2.03 15.99
C VAL B 32 22.37 1.97 15.45
N GLU B 33 22.64 1.05 14.48
CA GLU B 33 23.95 0.90 13.84
C GLU B 33 24.34 2.16 13.08
N HIS B 34 23.38 2.80 12.40
CA HIS B 34 23.59 4.02 11.65
C HIS B 34 23.97 5.21 12.56
N VAL B 35 23.22 5.39 13.67
CA VAL B 35 23.45 6.46 14.64
C VAL B 35 24.85 6.31 15.29
N LYS B 36 25.29 5.05 15.52
CA LYS B 36 26.63 4.74 16.05
C LYS B 36 27.71 5.21 15.07
N GLU B 37 27.47 5.01 13.75
CA GLU B 37 28.38 5.45 12.68
C GLU B 37 28.48 6.98 12.65
N GLU B 38 27.36 7.68 12.90
CA GLU B 38 27.31 9.15 12.94
C GLU B 38 28.11 9.79 14.07
N CYS B 39 28.43 9.01 15.14
CA CYS B 39 29.25 9.45 16.27
C CYS B 39 30.66 9.89 15.80
N ASP B 40 31.15 9.30 14.67
CA ASP B 40 32.46 9.60 14.07
C ASP B 40 32.61 11.07 13.64
N ARG B 41 31.49 11.76 13.37
CA ARG B 41 31.45 13.16 12.95
CA ARG B 41 31.48 13.16 12.93
C ARG B 41 31.90 14.13 14.05
N LEU B 42 31.86 13.68 15.33
CA LEU B 42 32.22 14.48 16.50
C LEU B 42 33.71 14.67 16.77
N GLY B 43 34.52 13.65 16.49
CA GLY B 43 35.97 13.70 16.69
C GLY B 43 36.59 12.38 17.12
N PRO B 44 37.93 12.36 17.39
CA PRO B 44 38.58 11.10 17.78
C PRO B 44 38.24 10.55 19.16
N GLY B 45 38.19 11.42 20.17
CA GLY B 45 37.86 11.05 21.55
C GLY B 45 36.37 10.95 21.80
N MET B 46 35.59 11.89 21.24
CA MET B 46 34.14 11.97 21.40
C MET B 46 33.36 10.83 20.75
N ALA B 47 33.83 10.30 19.60
CA ALA B 47 33.16 9.22 18.86
C ALA B 47 32.93 7.95 19.69
N ASP B 48 33.96 7.50 20.43
CA ASP B 48 33.90 6.31 21.29
C ASP B 48 32.94 6.52 22.47
N ILE B 49 32.96 7.72 23.08
CA ILE B 49 32.07 8.11 24.19
C ILE B 49 30.62 8.08 23.71
N CYS B 50 30.38 8.61 22.49
CA CYS B 50 29.09 8.67 21.81
C CYS B 50 28.58 7.26 21.50
N LYS B 51 29.44 6.40 20.90
CA LYS B 51 29.11 5.01 20.54
C LYS B 51 28.71 4.20 21.77
N ASN B 52 29.44 4.39 22.89
CA ASN B 52 29.19 3.73 24.17
C ASN B 52 27.85 4.18 24.77
N TYR B 53 27.52 5.49 24.63
CA TYR B 53 26.27 6.06 25.12
C TYR B 53 25.06 5.55 24.33
N ILE B 54 25.24 5.23 23.03
CA ILE B 54 24.17 4.68 22.18
C ILE B 54 24.02 3.17 22.48
N SER B 55 25.15 2.41 22.52
CA SER B 55 25.23 0.96 22.79
C SER B 55 24.44 0.48 24.02
N GLN B 56 24.32 1.34 25.06
CA GLN B 56 23.59 1.02 26.29
C GLN B 56 22.15 1.54 26.24
N TYR B 57 21.98 2.83 25.90
CA TYR B 57 20.67 3.51 25.82
C TYR B 57 19.72 3.03 24.72
N SER B 58 20.24 2.45 23.60
CA SER B 58 19.46 1.99 22.43
C SER B 58 18.16 1.23 22.72
N GLU B 59 18.25 -0.03 23.23
CA GLU B 59 17.13 -0.92 23.58
C GLU B 59 16.09 -0.18 24.43
N ILE B 60 16.57 0.47 25.52
CA ILE B 60 15.75 1.22 26.47
C ILE B 60 15.02 2.42 25.86
N ALA B 61 15.75 3.38 25.25
CA ALA B 61 15.20 4.58 24.59
C ALA B 61 14.10 4.29 23.57
N ILE B 62 14.23 3.17 22.83
CA ILE B 62 13.28 2.71 21.82
C ILE B 62 11.99 2.18 22.46
N GLN B 63 12.11 1.37 23.53
CA GLN B 63 10.95 0.84 24.25
C GLN B 63 10.16 1.96 24.94
N MET B 64 10.86 3.01 25.41
CA MET B 64 10.28 4.19 26.03
C MET B 64 9.41 4.91 24.98
N MET B 65 10.00 5.15 23.79
CA MET B 65 9.39 5.76 22.60
C MET B 65 8.14 4.99 22.16
N MET B 66 8.20 3.64 22.17
CA MET B 66 7.09 2.75 21.77
C MET B 66 5.86 2.81 22.69
N HIS B 67 6.03 3.26 23.92
CA HIS B 67 4.94 3.38 24.88
C HIS B 67 4.39 4.81 24.94
N MET B 68 4.93 5.69 24.11
CA MET B 68 4.53 7.08 24.00
C MET B 68 3.72 7.28 22.74
N GLN B 69 2.77 8.22 22.78
CA GLN B 69 1.96 8.59 21.63
C GLN B 69 2.81 9.46 20.66
N PRO B 70 2.56 9.41 19.33
CA PRO B 70 3.33 10.27 18.40
C PRO B 70 3.38 11.76 18.78
N LYS B 71 2.25 12.33 19.23
CA LYS B 71 2.17 13.74 19.66
C LYS B 71 3.04 14.02 20.89
N GLU B 72 3.15 13.03 21.81
CA GLU B 72 3.96 13.14 23.02
C GLU B 72 5.44 13.16 22.69
N ILE B 73 5.89 12.30 21.76
CA ILE B 73 7.28 12.23 21.28
C ILE B 73 7.63 13.57 20.59
N CYS B 74 6.70 14.08 19.77
CA CYS B 74 6.88 15.34 19.05
C CYS B 74 6.88 16.55 19.98
N ALA B 75 6.10 16.51 21.08
CA ALA B 75 6.08 17.57 22.09
C ALA B 75 7.39 17.51 22.88
N LEU B 76 7.93 16.28 23.10
CA LEU B 76 9.20 16.05 23.81
C LEU B 76 10.37 16.66 23.06
N VAL B 77 10.43 16.45 21.73
CA VAL B 77 11.52 17.00 20.91
C VAL B 77 11.37 18.53 20.66
N GLY B 78 10.14 19.05 20.73
CA GLY B 78 9.84 20.47 20.53
C GLY B 78 9.13 20.82 19.25
N PHE B 79 8.76 19.81 18.44
CA PHE B 79 8.07 20.03 17.16
C PHE B 79 6.54 20.24 17.33
N CYS B 80 5.98 19.82 18.47
CA CYS B 80 4.57 20.01 18.82
C CYS B 80 4.45 20.81 20.11
N ASP B 81 3.34 21.58 20.23
CA ASP B 81 2.94 22.48 21.33
C ASP B 81 3.53 23.88 21.18
N GLY C 1 1.81 7.95 6.33
CA GLY C 1 2.65 8.16 5.16
C GLY C 1 1.96 7.79 3.87
N ALA C 2 2.71 7.78 2.76
CA ALA C 2 2.14 7.44 1.45
C ALA C 2 1.42 6.10 1.40
N SER C 3 1.98 5.02 1.99
CA SER C 3 1.34 3.69 2.04
C SER C 3 0.03 3.76 2.82
N GLY C 4 0.02 4.53 3.92
CA GLY C 4 -1.15 4.77 4.74
C GLY C 4 -2.24 5.51 3.98
N ASP C 5 -1.85 6.48 3.11
CA ASP C 5 -2.79 7.22 2.25
C ASP C 5 -3.49 6.28 1.27
N VAL C 6 -2.75 5.36 0.62
CA VAL C 6 -3.28 4.37 -0.33
C VAL C 6 -4.34 3.47 0.34
N CYS C 7 -4.06 3.03 1.58
CA CYS C 7 -4.99 2.19 2.33
C CYS C 7 -6.34 2.88 2.53
N GLN C 8 -6.32 4.12 3.05
CA GLN C 8 -7.54 4.91 3.30
CA GLN C 8 -7.54 4.90 3.30
C GLN C 8 -8.29 5.20 2.00
N ASP C 9 -7.53 5.47 0.91
CA ASP C 9 -8.10 5.74 -0.41
C ASP C 9 -8.87 4.51 -0.89
N CYS C 10 -8.28 3.32 -0.68
CA CYS C 10 -8.86 2.04 -1.05
C CYS C 10 -10.13 1.79 -0.25
N ILE C 11 -10.08 2.02 1.08
CA ILE C 11 -11.26 1.86 1.97
C ILE C 11 -12.41 2.73 1.45
N GLN C 12 -12.11 4.01 1.13
CA GLN C 12 -13.08 4.96 0.59
C GLN C 12 -13.66 4.46 -0.75
N MET C 13 -12.79 4.05 -1.69
CA MET C 13 -13.22 3.54 -2.99
C MET C 13 -14.08 2.30 -2.86
N VAL C 14 -13.66 1.31 -2.06
CA VAL C 14 -14.38 0.06 -1.84
C VAL C 14 -15.77 0.28 -1.18
N THR C 15 -15.86 1.23 -0.21
CA THR C 15 -17.11 1.60 0.45
C THR C 15 -18.11 2.11 -0.60
N ASP C 16 -17.64 2.98 -1.51
CA ASP C 16 -18.45 3.55 -2.59
C ASP C 16 -18.82 2.52 -3.66
N ILE C 17 -17.94 1.51 -3.91
CA ILE C 17 -18.22 0.42 -4.87
C ILE C 17 -19.40 -0.40 -4.32
N GLN C 18 -19.37 -0.72 -3.02
CA GLN C 18 -20.42 -1.49 -2.36
C GLN C 18 -21.75 -0.73 -2.38
N THR C 19 -21.71 0.61 -2.18
CA THR C 19 -22.88 1.49 -2.24
C THR C 19 -23.43 1.48 -3.68
N ALA C 20 -22.52 1.46 -4.69
CA ALA C 20 -22.88 1.40 -6.11
C ALA C 20 -23.57 0.07 -6.48
N VAL C 21 -23.04 -1.07 -5.96
CA VAL C 21 -23.60 -2.40 -6.18
C VAL C 21 -25.03 -2.51 -5.59
N ARG C 22 -25.28 -1.80 -4.47
CA ARG C 22 -26.59 -1.79 -3.80
C ARG C 22 -27.59 -0.79 -4.36
N THR C 23 -27.12 0.39 -4.84
CA THR C 23 -28.00 1.47 -5.31
C THR C 23 -28.08 1.67 -6.84
N ASN C 24 -27.08 1.21 -7.61
CA ASN C 24 -27.05 1.39 -9.06
C ASN C 24 -27.19 0.04 -9.76
N SER C 25 -28.35 -0.17 -10.41
CA SER C 25 -28.76 -1.40 -11.09
C SER C 25 -27.98 -1.73 -12.37
N THR C 26 -27.22 -0.78 -12.92
CA THR C 26 -26.44 -1.00 -14.14
C THR C 26 -24.92 -1.03 -13.89
N PHE C 27 -24.48 -0.73 -12.64
CA PHE C 27 -23.07 -0.67 -12.24
C PHE C 27 -22.30 -1.97 -12.48
N VAL C 28 -22.78 -3.10 -11.89
CA VAL C 28 -22.15 -4.42 -12.00
C VAL C 28 -22.03 -4.85 -13.45
N GLN C 29 -23.15 -4.82 -14.20
CA GLN C 29 -23.24 -5.16 -15.63
C GLN C 29 -22.23 -4.38 -16.47
N ALA C 30 -22.16 -3.05 -16.28
CA ALA C 30 -21.23 -2.19 -17.01
C ALA C 30 -19.77 -2.55 -16.74
N LEU C 31 -19.43 -2.84 -15.47
CA LEU C 31 -18.08 -3.22 -15.04
C LEU C 31 -17.66 -4.56 -15.63
N VAL C 32 -18.51 -5.60 -15.48
CA VAL C 32 -18.25 -6.95 -15.98
C VAL C 32 -18.06 -6.96 -17.50
N GLU C 33 -18.93 -6.24 -18.25
CA GLU C 33 -18.85 -6.10 -19.69
C GLU C 33 -17.56 -5.42 -20.15
N HIS C 34 -17.13 -4.40 -19.39
CA HIS C 34 -15.90 -3.68 -19.67
C HIS C 34 -14.65 -4.54 -19.48
N VAL C 35 -14.58 -5.28 -18.36
CA VAL C 35 -13.48 -6.20 -18.04
C VAL C 35 -13.37 -7.32 -19.11
N LYS C 36 -14.52 -7.80 -19.64
CA LYS C 36 -14.56 -8.79 -20.73
C LYS C 36 -13.91 -8.22 -22.00
N GLU C 37 -14.16 -6.92 -22.29
CA GLU C 37 -13.58 -6.21 -23.44
C GLU C 37 -12.05 -6.09 -23.28
N GLU C 38 -11.57 -5.88 -22.04
CA GLU C 38 -10.14 -5.78 -21.72
C GLU C 38 -9.35 -7.08 -21.92
N CYS C 39 -10.04 -8.25 -21.96
CA CYS C 39 -9.45 -9.57 -22.23
C CYS C 39 -8.76 -9.60 -23.62
N ASP C 40 -9.24 -8.76 -24.58
CA ASP C 40 -8.69 -8.61 -25.93
C ASP C 40 -7.23 -8.18 -25.96
N ARG C 41 -6.75 -7.51 -24.89
CA ARG C 41 -5.37 -7.04 -24.75
C ARG C 41 -4.34 -8.17 -24.57
N LEU C 42 -4.75 -9.32 -24.00
CA LEU C 42 -3.88 -10.47 -23.71
C LEU C 42 -3.36 -11.24 -24.94
N GLY C 43 -4.25 -11.51 -25.89
CA GLY C 43 -3.91 -12.26 -27.11
C GLY C 43 -5.12 -12.69 -27.94
N PRO C 44 -4.84 -13.30 -29.10
CA PRO C 44 -5.91 -13.98 -29.85
C PRO C 44 -6.48 -15.24 -29.21
N GLY C 45 -5.61 -16.08 -28.64
CA GLY C 45 -6.00 -17.31 -27.96
C GLY C 45 -6.43 -17.09 -26.52
N MET C 46 -5.72 -16.19 -25.80
CA MET C 46 -5.97 -15.86 -24.40
C MET C 46 -7.28 -15.12 -24.16
N ALA C 47 -7.71 -14.24 -25.09
CA ALA C 47 -8.93 -13.42 -24.98
C ALA C 47 -10.21 -14.24 -24.78
N ASP C 48 -10.36 -15.35 -25.55
CA ASP C 48 -11.52 -16.24 -25.49
C ASP C 48 -11.62 -16.94 -24.13
N ILE C 49 -10.47 -17.41 -23.60
CA ILE C 49 -10.39 -18.08 -22.29
C ILE C 49 -10.66 -17.09 -21.16
N CYS C 50 -10.08 -15.86 -21.26
CA CYS C 50 -10.25 -14.78 -20.28
C CYS C 50 -11.74 -14.39 -20.17
N LYS C 51 -12.42 -14.16 -21.32
CA LYS C 51 -13.84 -13.81 -21.39
C LYS C 51 -14.72 -14.90 -20.75
N ASN C 52 -14.39 -16.18 -21.01
CA ASN C 52 -15.10 -17.34 -20.46
C ASN C 52 -14.94 -17.42 -18.95
N TYR C 53 -13.73 -17.10 -18.42
CA TYR C 53 -13.43 -17.12 -16.98
C TYR C 53 -14.22 -16.03 -16.25
N ILE C 54 -14.32 -14.80 -16.82
CA ILE C 54 -15.08 -13.70 -16.22
C ILE C 54 -16.58 -14.02 -16.17
N SER C 55 -17.17 -14.47 -17.30
CA SER C 55 -18.59 -14.85 -17.42
C SER C 55 -19.01 -15.88 -16.36
N GLN C 56 -18.17 -16.89 -16.16
CA GLN C 56 -18.32 -18.01 -15.24
C GLN C 56 -18.29 -17.61 -13.76
N TYR C 57 -17.30 -16.78 -13.37
CA TYR C 57 -17.07 -16.39 -11.98
C TYR C 57 -17.43 -14.96 -11.55
N SER C 58 -17.98 -14.11 -12.45
CA SER C 58 -18.30 -12.71 -12.11
C SER C 58 -19.31 -12.54 -10.96
N GLU C 59 -20.47 -13.22 -11.04
CA GLU C 59 -21.52 -13.14 -10.02
C GLU C 59 -21.01 -13.54 -8.65
N ILE C 60 -20.38 -14.74 -8.54
CA ILE C 60 -19.80 -15.24 -7.29
C ILE C 60 -18.75 -14.31 -6.70
N ALA C 61 -17.86 -13.73 -7.54
CA ALA C 61 -16.81 -12.80 -7.12
C ALA C 61 -17.39 -11.52 -6.51
N ILE C 62 -18.45 -10.96 -7.14
CA ILE C 62 -19.16 -9.75 -6.70
C ILE C 62 -19.91 -10.05 -5.40
N GLN C 63 -20.57 -11.23 -5.32
CA GLN C 63 -21.29 -11.70 -4.14
C GLN C 63 -20.31 -11.86 -2.96
N MET C 64 -19.14 -12.51 -3.20
CA MET C 64 -18.09 -12.68 -2.18
C MET C 64 -17.59 -11.31 -1.70
N MET C 65 -17.25 -10.41 -2.64
CA MET C 65 -16.81 -9.05 -2.36
C MET C 65 -17.81 -8.30 -1.45
N MET C 66 -19.13 -8.39 -1.75
CA MET C 66 -20.23 -7.74 -1.01
C MET C 66 -20.39 -8.19 0.46
N HIS C 67 -19.88 -9.39 0.81
CA HIS C 67 -19.98 -9.89 2.19
C HIS C 67 -18.71 -9.63 3.00
N MET C 68 -17.77 -8.92 2.39
CA MET C 68 -16.50 -8.53 3.00
C MET C 68 -16.52 -7.04 3.33
N GLN C 69 -15.81 -6.65 4.39
CA GLN C 69 -15.67 -5.25 4.80
C GLN C 69 -14.69 -4.54 3.86
N PRO C 70 -14.84 -3.22 3.60
CA PRO C 70 -13.87 -2.52 2.72
C PRO C 70 -12.40 -2.70 3.10
N LYS C 71 -12.06 -2.68 4.41
CA LYS C 71 -10.69 -2.86 4.89
C LYS C 71 -10.17 -4.28 4.61
N GLU C 72 -11.07 -5.30 4.65
CA GLU C 72 -10.74 -6.70 4.37
C GLU C 72 -10.40 -6.89 2.90
N ILE C 73 -11.20 -6.28 2.00
CA ILE C 73 -10.97 -6.31 0.54
C ILE C 73 -9.64 -5.64 0.22
N CYS C 74 -9.37 -4.48 0.87
CA CYS C 74 -8.13 -3.73 0.68
C CYS C 74 -6.91 -4.43 1.22
N ALA C 75 -7.05 -5.17 2.33
CA ALA C 75 -5.97 -5.98 2.91
C ALA C 75 -5.72 -7.18 1.99
N LEU C 76 -6.79 -7.74 1.37
CA LEU C 76 -6.72 -8.86 0.44
C LEU C 76 -5.92 -8.50 -0.82
N VAL C 77 -6.19 -7.33 -1.40
CA VAL C 77 -5.48 -6.86 -2.61
C VAL C 77 -4.05 -6.41 -2.31
N GLY C 78 -3.79 -5.97 -1.08
CA GLY C 78 -2.46 -5.52 -0.65
C GLY C 78 -2.32 -4.02 -0.45
N PHE C 79 -3.43 -3.27 -0.56
CA PHE C 79 -3.40 -1.81 -0.38
C PHE C 79 -3.48 -1.39 1.09
N CYS C 80 -3.96 -2.31 1.97
CA CYS C 80 -4.02 -2.10 3.43
C CYS C 80 -3.18 -3.15 4.14
N ASP C 81 -2.60 -2.78 5.31
CA ASP C 81 -1.75 -3.56 6.22
C ASP C 81 -0.28 -3.50 5.81
CL CLQ D . 3.36 17.24 27.62
N1 CLQ D . 4.11 12.13 27.28
C1 CLQ D . 4.91 11.03 27.20
C2 CLQ D . 6.27 11.17 27.42
C3 CLQ D . 6.85 12.40 27.62
C4 CLQ D . 6.04 13.54 27.62
C5 CLQ D . 6.56 14.83 27.79
C6 CLQ D . 5.71 15.94 27.80
C7 CLQ D . 4.33 15.78 27.60
C8 CLQ D . 3.82 14.52 27.41
C9 CLQ D . 4.67 13.39 27.42
N2 CLQ D . 8.32 12.51 27.83
C10 CLQ D . 9.15 11.39 28.17
C11 CLQ D . 10.62 11.63 27.77
C12 CLQ D . 11.10 10.58 26.78
C13 CLQ D . 12.26 9.80 27.40
N3 CLQ D . 13.44 9.76 26.48
C14 CLQ D . 13.57 8.44 25.89
C15 CLQ D . 13.31 8.50 24.37
C16 CLQ D . 14.64 10.06 27.23
C17 CLQ D . 15.31 11.33 26.71
C18 CLQ D . 9.14 11.16 29.65
CL CLQ E . -9.16 -11.67 9.27
CL CLQ E . -17.38 -13.70 5.53
N1 CLQ E . -13.73 -12.46 6.91
N1 CLQ E . -12.83 -12.32 7.71
C1 CLQ E . -14.50 -12.67 5.80
C1 CLQ E . -11.51 -11.97 7.61
C2 CLQ E . -13.88 -12.73 4.55
C2 CLQ E . -10.91 -11.91 6.35
C3 CLQ E . -12.51 -12.59 4.43
C3 CLQ E . -11.63 -12.21 5.22
C4 CLQ E . -11.74 -12.35 5.57
C4 CLQ E . -12.97 -12.53 5.33
C5 CLQ E . -10.34 -12.19 5.50
C5 CLQ E . -13.73 -12.83 4.17
C6 CLQ E . -9.58 -11.99 6.64
C6 CLQ E . -15.07 -13.18 4.29
C7 CLQ E . -10.21 -11.93 7.89
C7 CLQ E . -15.69 -13.23 5.53
C8 CLQ E . -11.58 -12.08 7.98
C8 CLQ E . -14.95 -12.96 6.67
C9 CLQ E . -12.35 -12.30 6.81
C9 CLQ E . -13.57 -12.61 6.57
N2 CLQ E . -11.92 -12.65 3.07
N2 CLQ E . -11.02 -12.12 3.88
C10 CLQ E . -11.21 -13.78 2.56
C10 CLQ E . -9.96 -12.97 3.45
C11 CLQ E . -11.95 -14.50 1.41
C11 CLQ E . -10.42 -14.00 2.38
C12 CLQ E . -11.92 -13.76 0.07
C12 CLQ E . -10.92 -13.40 1.07
C13 CLQ E . -12.01 -14.77 -1.08
C13 CLQ E . -11.38 -14.50 0.12
N3 CLQ E . -11.37 -14.24 -2.33
N3 CLQ E . -11.28 -14.05 -1.31
C14 CLQ E . -12.41 -13.96 -3.32
C14 CLQ E . -12.61 -13.88 -1.85
C15 CLQ E . -12.46 -12.45 -3.66
C15 CLQ E . -12.78 -12.51 -2.54
C16 CLQ E . -10.48 -15.25 -2.86
C16 CLQ E . -10.57 -15.08 -2.06
C17 CLQ E . -9.05 -14.71 -2.99
C17 CLQ E . -9.32 -14.52 -2.74
C18 CLQ E . -9.82 -13.36 2.19
C18 CLQ E . -8.80 -12.13 3.01
#